data_4OG1
#
_entry.id   4OG1
#
_cell.length_a   108.587
_cell.length_b   108.587
_cell.length_c   108.587
_cell.angle_alpha   90.00
_cell.angle_beta   90.00
_cell.angle_gamma   90.00
#
_symmetry.space_group_name_H-M   'P 2 3'
#
loop_
_entity.id
_entity.type
_entity.pdbx_description
1 polymer 'Enoyl-CoA hydratase/isomerase'
2 non-polymer 3,6,9,12,15,18,21-HEPTAOXATRICOSANE-1,23-DIOL
3 water water
#
_entity_poly.entity_id   1
_entity_poly.type   'polypeptide(L)'
_entity_poly.pdbx_seq_one_letter_code
;MHHHHHHSSGVDLGTENLYFQSMPNMNFHDRVSVTIEDHVAHVLLDRADKMNALDDAMFEGIVAAGHHLHSVKGVRCVVL
SGAGRSFCAGLDLSSMGRTDRWSGNSLTERTHGNANRAQQAAMVWRKLPMPVIAAVHGVCFGGGLQVASGADIRFITPDA
RLAVMEVKWGLVPDMAGYALWRGNVRDDVLRELTYTHREFSGEEAVRFGFATHVADDPLAGAMELARVVAEKSPNAVRGA
KTLSNRAPDLTVDDVLMAESIAQHELMYSRNQMEAVKAGMEKRAGDFVDP
;
_entity_poly.pdbx_strand_id   A
#
# COMPACT_ATOMS: atom_id res chain seq x y z
N MET A 23 -16.74 13.66 -6.39
CA MET A 23 -16.21 14.96 -6.93
C MET A 23 -15.54 15.72 -5.79
N PRO A 24 -14.36 16.37 -6.02
CA PRO A 24 -13.59 16.35 -7.27
C PRO A 24 -12.90 14.96 -7.56
N ASN A 25 -12.70 14.67 -8.82
CA ASN A 25 -11.77 13.66 -9.24
C ASN A 25 -10.45 14.38 -9.35
N MET A 26 -9.50 14.11 -8.49
CA MET A 26 -8.22 14.81 -8.61
C MET A 26 -7.33 14.04 -9.52
N ASN A 27 -6.83 14.67 -10.57
CA ASN A 27 -6.00 13.91 -11.52
C ASN A 27 -4.57 14.41 -11.46
N PHE A 28 -3.60 13.51 -11.42
CA PHE A 28 -2.16 13.82 -11.37
C PHE A 28 -1.52 13.27 -12.66
N HIS A 29 -0.98 14.20 -13.44
CA HIS A 29 -0.13 13.94 -14.60
C HIS A 29 -0.88 13.09 -15.59
N ASP A 30 -2.20 13.20 -15.64
CA ASP A 30 -3.00 12.35 -16.50
C ASP A 30 -2.76 10.87 -16.31
N ARG A 31 -2.41 10.48 -15.10
CA ARG A 31 -2.02 9.08 -14.93
C ARG A 31 -2.65 8.45 -13.71
N VAL A 32 -2.90 9.24 -12.68
CA VAL A 32 -3.51 8.77 -11.43
C VAL A 32 -4.70 9.61 -11.01
N SER A 33 -5.85 9.02 -10.69
CA SER A 33 -7.02 9.77 -10.20
C SER A 33 -7.33 9.46 -8.72
N VAL A 34 -7.64 10.48 -7.94
CA VAL A 34 -7.89 10.31 -6.51
C VAL A 34 -9.21 10.91 -6.16
N THR A 35 -10.05 10.13 -5.50
CA THR A 35 -11.32 10.63 -5.01
C THR A 35 -11.48 10.22 -3.56
N ILE A 36 -12.09 11.08 -2.79
CA ILE A 36 -12.20 10.93 -1.35
C ILE A 36 -13.64 10.95 -0.92
N GLU A 37 -14.09 9.95 -0.21
CA GLU A 37 -15.44 10.07 0.40
C GLU A 37 -15.54 9.33 1.75
N ASP A 38 -16.25 9.89 2.73
CA ASP A 38 -16.38 9.24 4.05
C ASP A 38 -15.06 8.67 4.60
N HIS A 39 -14.05 9.54 4.63
CA HIS A 39 -12.72 9.28 5.16
C HIS A 39 -11.91 8.23 4.39
N VAL A 40 -12.38 7.79 3.21
CA VAL A 40 -11.62 6.80 2.42
C VAL A 40 -11.20 7.49 1.14
N ALA A 41 -9.90 7.46 0.83
CA ALA A 41 -9.41 7.87 -0.47
C ALA A 41 -9.27 6.70 -1.40
N HIS A 42 -9.79 6.83 -2.60
CA HIS A 42 -9.59 5.80 -3.63
C HIS A 42 -8.61 6.33 -4.63
N VAL A 43 -7.44 5.73 -4.72
CA VAL A 43 -6.42 6.04 -5.70
C VAL A 43 -6.49 5.03 -6.85
N LEU A 44 -6.67 5.52 -8.07
CA LEU A 44 -6.84 4.69 -9.25
C LEU A 44 -5.73 4.97 -10.22
N LEU A 45 -4.88 3.99 -10.52
CA LEU A 45 -3.89 4.09 -11.64
C LEU A 45 -4.72 4.13 -12.89
N ASP A 46 -4.54 5.15 -13.67
CA ASP A 46 -5.54 5.43 -14.70
C ASP A 46 -4.87 5.65 -16.03
N ARG A 47 -4.35 4.57 -16.59
CA ARG A 47 -3.78 4.60 -17.92
C ARG A 47 -4.17 3.22 -18.54
N ALA A 48 -5.47 2.95 -18.54
CA ALA A 48 -5.99 1.63 -18.74
C ALA A 48 -5.58 1.08 -20.08
N ASP A 49 -5.52 1.98 -21.06
CA ASP A 49 -5.15 1.64 -22.41
C ASP A 49 -3.69 1.14 -22.53
N LYS A 50 -2.81 1.42 -21.59
CA LYS A 50 -1.48 0.78 -21.63
C LYS A 50 -1.27 -0.13 -20.42
N MET A 51 -2.36 -0.69 -19.92
CA MET A 51 -2.33 -1.55 -18.68
C MET A 51 -1.58 -0.91 -17.50
N ASN A 52 -1.84 0.37 -17.33
CA ASN A 52 -1.19 1.21 -16.30
C ASN A 52 0.33 1.07 -16.23
N ALA A 53 0.96 0.89 -17.38
CA ALA A 53 2.37 0.68 -17.37
C ALA A 53 3.09 1.94 -16.89
N LEU A 54 4.27 1.71 -16.35
CA LEU A 54 5.02 2.72 -15.62
C LEU A 54 5.92 3.51 -16.52
N ASP A 55 5.38 4.54 -17.14
CA ASP A 55 6.23 5.50 -17.83
C ASP A 55 6.59 6.62 -16.86
N ASP A 56 7.34 7.57 -17.39
CA ASP A 56 7.83 8.69 -16.62
C ASP A 56 6.66 9.46 -15.90
N ALA A 57 5.60 9.71 -16.62
CA ALA A 57 4.43 10.47 -16.10
C ALA A 57 3.68 9.60 -15.04
N MET A 58 3.62 8.28 -15.23
CA MET A 58 2.99 7.41 -14.23
C MET A 58 3.76 7.43 -12.92
N PHE A 59 5.08 7.43 -12.99
CA PHE A 59 5.88 7.60 -11.77
C PHE A 59 5.57 8.89 -11.04
N GLU A 60 5.71 9.99 -11.75
CA GLU A 60 5.32 11.32 -11.26
C GLU A 60 3.90 11.29 -10.69
N GLY A 61 2.94 10.74 -11.45
CA GLY A 61 1.56 10.64 -11.00
C GLY A 61 1.36 9.88 -9.67
N ILE A 62 1.99 8.74 -9.57
CA ILE A 62 1.90 8.00 -8.32
C ILE A 62 2.48 8.71 -7.11
N VAL A 63 3.70 9.21 -7.26
CA VAL A 63 4.40 9.82 -6.16
C VAL A 63 3.66 11.11 -5.76
N ALA A 64 3.14 11.81 -6.76
CA ALA A 64 2.45 13.10 -6.44
C ALA A 64 1.14 12.82 -5.71
N ALA A 65 0.42 11.76 -6.12
CA ALA A 65 -0.83 11.40 -5.47
C ALA A 65 -0.64 11.02 -4.01
N GLY A 66 0.41 10.22 -3.75
CA GLY A 66 0.71 9.81 -2.39
C GLY A 66 1.15 10.96 -1.55
N HIS A 67 1.91 11.87 -2.15
CA HIS A 67 2.38 13.03 -1.43
C HIS A 67 1.20 13.95 -1.04
N HIS A 68 0.35 14.25 -1.98
CA HIS A 68 -0.89 15.00 -1.72
C HIS A 68 -1.63 14.42 -0.52
N LEU A 69 -1.74 13.10 -0.43
CA LEU A 69 -2.53 12.48 0.63
C LEU A 69 -1.91 12.65 2.00
N HIS A 70 -0.65 13.04 2.09
CA HIS A 70 -0.08 13.26 3.43
C HIS A 70 -0.82 14.30 4.18
N SER A 71 -1.31 15.30 3.45
CA SER A 71 -1.78 16.49 4.07
C SER A 71 -3.26 16.74 3.82
N VAL A 72 -4.06 15.73 3.53
CA VAL A 72 -5.49 15.93 3.40
C VAL A 72 -6.11 15.59 4.77
N LYS A 73 -6.85 16.46 5.38
CA LYS A 73 -7.28 16.15 6.70
C LYS A 73 -8.42 15.16 6.63
N GLY A 74 -8.47 14.17 7.52
CA GLY A 74 -9.66 13.37 7.63
C GLY A 74 -9.65 12.15 6.74
N VAL A 75 -8.60 11.97 5.97
CA VAL A 75 -8.43 10.67 5.27
C VAL A 75 -7.91 9.56 6.22
N ARG A 76 -8.72 8.54 6.45
CA ARG A 76 -8.43 7.48 7.43
C ARG A 76 -7.97 6.15 6.83
N CYS A 77 -8.15 5.98 5.54
CA CYS A 77 -7.73 4.76 4.82
C CYS A 77 -7.70 5.07 3.34
N VAL A 78 -6.82 4.37 2.65
CA VAL A 78 -6.64 4.56 1.22
C VAL A 78 -6.94 3.23 0.53
N VAL A 79 -7.59 3.24 -0.64
CA VAL A 79 -7.74 2.05 -1.45
C VAL A 79 -6.97 2.34 -2.73
N LEU A 80 -6.09 1.45 -3.12
CA LEU A 80 -5.29 1.63 -4.30
C LEU A 80 -5.65 0.56 -5.33
N SER A 81 -5.99 0.94 -6.57
CA SER A 81 -6.35 -0.08 -7.57
C SER A 81 -6.06 0.41 -8.96
N GLY A 82 -6.30 -0.41 -9.98
CA GLY A 82 -5.98 -0.09 -11.42
C GLY A 82 -7.25 0.02 -12.22
N ALA A 83 -7.27 0.95 -13.18
CA ALA A 83 -8.38 1.09 -14.14
C ALA A 83 -8.21 0.08 -15.25
N GLY A 84 -9.33 -0.35 -15.84
CA GLY A 84 -9.30 -1.27 -16.98
C GLY A 84 -9.00 -2.71 -16.52
N ARG A 85 -8.20 -3.40 -17.33
CA ARG A 85 -8.05 -4.84 -17.22
C ARG A 85 -6.95 -5.33 -16.33
N SER A 86 -6.00 -4.46 -15.94
CA SER A 86 -4.90 -4.88 -15.08
C SER A 86 -4.53 -3.82 -14.12
N PHE A 87 -3.92 -4.29 -13.02
CA PHE A 87 -3.41 -3.41 -12.03
C PHE A 87 -2.24 -2.64 -12.60
N CYS A 88 -1.25 -3.35 -13.11
CA CYS A 88 -0.07 -2.67 -13.61
C CYS A 88 0.81 -3.60 -14.34
N ALA A 89 0.95 -3.38 -15.65
CA ALA A 89 1.85 -4.18 -16.45
C ALA A 89 3.36 -3.97 -16.21
N GLY A 90 3.78 -3.13 -15.28
CA GLY A 90 5.19 -2.97 -14.99
C GLY A 90 5.80 -1.88 -15.85
N LEU A 91 7.12 -1.87 -15.98
CA LEU A 91 7.80 -0.72 -16.52
C LEU A 91 7.63 -0.65 -18.05
N ASP A 92 7.60 0.58 -18.51
CA ASP A 92 7.48 0.94 -19.91
C ASP A 92 8.89 1.03 -20.52
N LEU A 93 9.18 0.22 -21.54
CA LEU A 93 10.50 0.20 -22.24
C LEU A 93 10.93 1.63 -22.54
N SER A 94 10.13 2.28 -23.37
CA SER A 94 10.27 3.69 -23.69
C SER A 94 9.59 4.55 -22.64
N SER A 106 20.64 9.91 -11.64
CA SER A 106 21.13 8.58 -11.50
C SER A 106 20.46 7.79 -10.34
N LEU A 107 20.57 6.48 -10.40
CA LEU A 107 19.77 5.60 -9.54
C LEU A 107 19.99 5.79 -8.06
N THR A 108 21.24 6.04 -7.69
CA THR A 108 21.60 6.07 -6.28
C THR A 108 21.24 7.33 -5.57
N GLU A 109 20.94 8.39 -6.31
CA GLU A 109 20.60 9.66 -5.67
C GLU A 109 19.24 9.57 -4.94
N ARG A 110 19.26 9.96 -3.67
CA ARG A 110 18.08 9.97 -2.79
C ARG A 110 17.28 11.21 -3.02
N THR A 111 16.21 11.12 -3.80
CA THR A 111 15.42 12.29 -4.16
C THR A 111 14.17 12.39 -3.30
N HIS A 112 13.73 11.30 -2.69
CA HIS A 112 12.53 11.31 -1.86
C HIS A 112 12.85 10.71 -0.51
N GLY A 113 13.59 11.46 0.29
CA GLY A 113 14.00 11.04 1.61
C GLY A 113 14.88 9.82 1.48
N ASN A 114 14.42 8.62 1.91
CA ASN A 114 15.33 7.43 1.81
C ASN A 114 15.29 6.70 0.43
N ALA A 115 14.50 7.22 -0.50
CA ALA A 115 14.17 6.58 -1.78
C ALA A 115 14.57 7.43 -2.98
N ASN A 116 14.74 6.78 -4.13
CA ASN A 116 14.70 7.45 -5.38
C ASN A 116 13.24 7.45 -5.84
N ARG A 117 13.01 7.95 -7.02
CA ARG A 117 11.63 8.21 -7.47
C ARG A 117 10.88 6.90 -7.71
N ALA A 118 11.58 5.94 -8.29
CA ALA A 118 10.98 4.66 -8.59
C ALA A 118 10.63 3.92 -7.29
N GLN A 119 11.52 3.93 -6.32
CA GLN A 119 11.25 3.37 -5.03
C GLN A 119 10.10 4.10 -4.30
N GLN A 120 9.95 5.41 -4.48
CA GLN A 120 8.89 6.14 -3.79
C GLN A 120 7.51 5.77 -4.33
N ALA A 121 7.44 5.42 -5.61
CA ALA A 121 6.15 4.99 -6.10
C ALA A 121 5.57 3.85 -5.28
N ALA A 122 6.42 2.98 -4.73
CA ALA A 122 5.99 1.95 -3.78
C ALA A 122 6.03 2.44 -2.34
N MET A 123 7.12 3.10 -1.93
CA MET A 123 7.33 3.46 -0.57
C MET A 123 6.36 4.53 -0.10
N VAL A 124 5.84 5.41 -0.98
CA VAL A 124 4.98 6.49 -0.47
C VAL A 124 3.78 5.89 0.30
N TRP A 125 3.29 4.72 -0.15
CA TRP A 125 2.16 4.05 0.50
C TRP A 125 2.49 3.58 1.92
N ARG A 126 3.72 3.12 2.11
CA ARG A 126 4.15 2.69 3.42
C ARG A 126 4.49 3.89 4.33
N LYS A 127 4.96 5.00 3.75
CA LYS A 127 5.24 6.18 4.53
C LYS A 127 3.96 7.02 4.85
N LEU A 128 2.87 6.85 4.16
CA LEU A 128 1.62 7.55 4.50
C LEU A 128 1.20 7.17 5.94
N PRO A 129 0.62 8.14 6.68
CA PRO A 129 0.36 7.83 8.08
C PRO A 129 -0.76 6.86 8.25
N MET A 130 -1.66 6.84 7.27
CA MET A 130 -2.84 5.94 7.29
C MET A 130 -2.69 4.66 6.48
N PRO A 131 -3.48 3.63 6.82
CA PRO A 131 -3.33 2.35 6.04
C PRO A 131 -3.75 2.48 4.55
N VAL A 132 -3.12 1.67 3.72
CA VAL A 132 -3.33 1.58 2.28
C VAL A 132 -3.69 0.11 1.97
N ILE A 133 -4.82 -0.11 1.35
CA ILE A 133 -5.31 -1.39 0.98
C ILE A 133 -5.37 -1.45 -0.53
N ALA A 134 -4.62 -2.39 -1.12
CA ALA A 134 -4.59 -2.49 -2.55
C ALA A 134 -5.53 -3.55 -3.00
N ALA A 135 -6.06 -3.34 -4.21
CA ALA A 135 -6.90 -4.30 -4.85
C ALA A 135 -6.31 -4.59 -6.21
N VAL A 136 -5.95 -5.85 -6.42
CA VAL A 136 -5.15 -6.32 -7.56
C VAL A 136 -5.92 -7.29 -8.46
N HIS A 137 -5.91 -7.01 -9.76
CA HIS A 137 -6.59 -7.90 -10.75
C HIS A 137 -5.76 -7.86 -12.01
N GLY A 138 -5.99 -8.83 -12.89
CA GLY A 138 -5.24 -8.92 -14.22
C GLY A 138 -3.75 -9.08 -13.98
N VAL A 139 -2.96 -8.40 -14.77
CA VAL A 139 -1.50 -8.49 -14.72
C VAL A 139 -0.91 -7.55 -13.68
N CYS A 140 0.14 -8.01 -12.97
CA CYS A 140 0.79 -7.21 -11.97
C CYS A 140 2.23 -7.65 -11.88
N PHE A 141 3.05 -6.98 -12.67
CA PHE A 141 4.39 -7.47 -12.98
C PHE A 141 5.43 -6.44 -12.56
N GLY A 142 6.53 -6.91 -12.01
CA GLY A 142 7.76 -6.07 -11.96
C GLY A 142 7.57 -4.90 -11.02
N GLY A 143 7.63 -3.67 -11.57
CA GLY A 143 7.36 -2.45 -10.81
C GLY A 143 5.96 -2.42 -10.27
N GLY A 144 5.02 -2.97 -11.04
CA GLY A 144 3.61 -3.00 -10.67
C GLY A 144 3.39 -3.84 -9.40
N LEU A 145 4.07 -4.97 -9.34
CA LEU A 145 4.04 -5.80 -8.12
C LEU A 145 4.68 -5.08 -6.94
N GLN A 146 5.79 -4.40 -7.16
CA GLN A 146 6.36 -3.61 -6.06
C GLN A 146 5.50 -2.46 -5.59
N VAL A 147 4.85 -1.76 -6.53
CA VAL A 147 3.95 -0.66 -6.14
C VAL A 147 2.85 -1.26 -5.25
N ALA A 148 2.23 -2.39 -5.67
CA ALA A 148 1.15 -2.97 -4.87
C ALA A 148 1.66 -3.38 -3.50
N SER A 149 2.92 -3.76 -3.46
CA SER A 149 3.51 -4.26 -2.24
C SER A 149 3.77 -3.13 -1.24
N GLY A 150 3.70 -1.87 -1.69
CA GLY A 150 3.78 -0.77 -0.72
C GLY A 150 2.57 -0.65 0.19
N ALA A 151 1.43 -1.27 -0.21
CA ALA A 151 0.23 -1.19 0.58
C ALA A 151 0.39 -2.03 1.87
N ASP A 152 -0.44 -1.76 2.83
CA ASP A 152 -0.45 -2.55 4.06
C ASP A 152 -0.99 -3.97 3.77
N ILE A 153 -2.03 -4.04 2.96
CA ILE A 153 -2.85 -5.26 2.80
C ILE A 153 -3.27 -5.33 1.35
N ARG A 154 -3.33 -6.53 0.74
CA ARG A 154 -3.74 -6.74 -0.68
C ARG A 154 -4.85 -7.77 -0.88
N PHE A 155 -5.91 -7.35 -1.58
CA PHE A 155 -6.89 -8.26 -2.11
C PHE A 155 -6.52 -8.52 -3.54
N ILE A 156 -6.77 -9.75 -4.02
CA ILE A 156 -6.45 -10.10 -5.35
C ILE A 156 -7.42 -11.09 -5.95
N THR A 157 -7.54 -11.10 -7.29
CA THR A 157 -8.37 -12.11 -7.95
C THR A 157 -7.60 -13.43 -7.97
N PRO A 158 -8.31 -14.54 -7.95
CA PRO A 158 -7.66 -15.84 -7.95
C PRO A 158 -6.82 -16.05 -9.21
N ASP A 159 -7.26 -15.47 -10.31
CA ASP A 159 -6.68 -15.67 -11.60
C ASP A 159 -5.81 -14.47 -12.05
N ALA A 160 -5.45 -13.58 -11.15
CA ALA A 160 -4.45 -12.57 -11.46
C ALA A 160 -3.16 -13.26 -11.88
N ARG A 161 -2.32 -12.51 -12.60
CA ARG A 161 -0.99 -12.96 -13.06
C ARG A 161 0.06 -12.04 -12.54
N LEU A 162 0.97 -12.56 -11.75
CA LEU A 162 1.99 -11.75 -11.14
C LEU A 162 3.32 -12.31 -11.48
N ALA A 163 4.35 -11.48 -11.35
CA ALA A 163 5.71 -11.97 -11.54
C ALA A 163 6.72 -10.98 -10.97
N VAL A 164 7.81 -11.48 -10.41
CA VAL A 164 8.94 -10.65 -10.03
C VAL A 164 9.74 -10.69 -11.32
N MET A 165 9.45 -9.71 -12.18
CA MET A 165 9.81 -9.80 -13.60
C MET A 165 11.25 -9.35 -13.91
N GLU A 166 11.94 -8.68 -12.99
CA GLU A 166 13.11 -7.91 -13.37
C GLU A 166 14.28 -8.65 -14.00
N VAL A 167 14.50 -9.87 -13.57
CA VAL A 167 15.62 -10.63 -14.08
C VAL A 167 15.46 -10.88 -15.57
N LYS A 168 14.22 -10.82 -16.06
CA LYS A 168 14.01 -11.04 -17.48
C LYS A 168 14.70 -9.94 -18.29
N TRP A 169 14.73 -8.71 -17.73
CA TRP A 169 15.36 -7.55 -18.42
C TRP A 169 16.83 -7.37 -17.98
N GLY A 170 17.42 -8.38 -17.34
CA GLY A 170 18.78 -8.28 -16.82
C GLY A 170 18.99 -7.33 -15.67
N LEU A 171 17.89 -7.06 -14.91
CA LEU A 171 17.88 -6.18 -13.79
C LEU A 171 17.53 -6.99 -12.52
N VAL A 172 17.57 -6.30 -11.38
CA VAL A 172 17.03 -6.77 -10.13
C VAL A 172 15.86 -5.91 -9.69
N PRO A 173 15.00 -6.46 -8.80
CA PRO A 173 13.97 -5.65 -8.18
C PRO A 173 14.61 -4.54 -7.40
N ASP A 174 14.25 -3.30 -7.76
CA ASP A 174 14.89 -2.13 -7.13
C ASP A 174 13.87 -1.06 -6.84
N MET A 175 12.59 -1.41 -6.73
CA MET A 175 11.53 -0.44 -6.37
C MET A 175 10.96 -0.81 -4.99
N ALA A 176 11.87 -1.11 -4.10
CA ALA A 176 11.66 -1.42 -2.70
C ALA A 176 11.15 -2.81 -2.36
N GLY A 177 10.97 -3.67 -3.32
CA GLY A 177 10.61 -5.03 -3.03
C GLY A 177 11.38 -5.73 -1.96
N TYR A 178 12.68 -5.57 -1.93
CA TYR A 178 13.41 -6.29 -0.85
C TYR A 178 13.09 -5.71 0.52
N ALA A 179 12.61 -4.49 0.61
CA ALA A 179 12.22 -3.96 1.94
C ALA A 179 10.74 -4.37 2.25
N LEU A 180 9.91 -4.47 1.23
CA LEU A 180 8.52 -4.71 1.45
C LEU A 180 8.11 -6.19 1.51
N TRP A 181 8.83 -7.05 0.82
CA TRP A 181 8.46 -8.46 0.75
C TRP A 181 8.90 -9.23 1.97
N ARG A 182 9.90 -8.72 2.66
CA ARG A 182 10.61 -9.58 3.64
C ARG A 182 9.80 -9.88 4.88
N GLY A 183 8.81 -9.11 5.22
CA GLY A 183 8.02 -9.49 6.34
C GLY A 183 6.81 -10.39 5.96
N ASN A 184 6.59 -10.66 4.68
CA ASN A 184 5.45 -11.48 4.23
C ASN A 184 5.80 -12.74 3.46
N VAL A 185 6.96 -12.78 2.84
CA VAL A 185 7.34 -13.83 1.89
C VAL A 185 8.57 -14.58 2.42
N ARG A 186 8.55 -15.90 2.31
CA ARG A 186 9.73 -16.69 2.68
C ARG A 186 10.93 -16.32 1.85
N ASP A 187 12.06 -16.38 2.49
CA ASP A 187 13.37 -16.27 1.77
C ASP A 187 13.48 -17.22 0.53
N ASP A 188 13.26 -18.51 0.68
CA ASP A 188 13.42 -19.44 -0.44
C ASP A 188 12.47 -19.10 -1.61
N VAL A 189 11.23 -18.77 -1.29
CA VAL A 189 10.21 -18.47 -2.32
C VAL A 189 10.64 -17.24 -3.08
N LEU A 190 11.10 -16.23 -2.35
CA LEU A 190 11.46 -15.03 -3.05
C LEU A 190 12.67 -15.24 -3.96
N ARG A 191 13.67 -16.02 -3.54
CA ARG A 191 14.87 -16.24 -4.38
C ARG A 191 14.42 -16.98 -5.61
N GLU A 192 13.61 -18.01 -5.45
CA GLU A 192 13.13 -18.71 -6.66
C GLU A 192 12.41 -17.86 -7.67
N LEU A 193 11.43 -17.10 -7.19
CA LEU A 193 10.60 -16.32 -8.10
C LEU A 193 11.38 -15.20 -8.76
N THR A 194 12.38 -14.69 -8.08
CA THR A 194 13.21 -13.66 -8.64
C THR A 194 14.15 -14.24 -9.73
N TYR A 195 14.83 -15.35 -9.43
CA TYR A 195 15.79 -15.91 -10.42
C TYR A 195 15.06 -16.39 -11.68
N THR A 196 13.88 -17.04 -11.54
CA THR A 196 13.13 -17.59 -12.68
C THR A 196 12.19 -16.56 -13.31
N HIS A 197 11.91 -15.45 -12.60
CA HIS A 197 10.89 -14.52 -12.99
C HIS A 197 9.59 -15.18 -13.47
N ARG A 198 9.22 -16.31 -12.90
CA ARG A 198 8.02 -16.98 -13.39
C ARG A 198 6.73 -16.35 -12.91
N GLU A 199 5.72 -16.52 -13.74
CA GLU A 199 4.37 -16.04 -13.41
C GLU A 199 3.76 -16.93 -12.36
N PHE A 200 3.05 -16.32 -11.45
CA PHE A 200 2.27 -17.06 -10.47
C PHE A 200 0.87 -16.43 -10.36
N SER A 201 -0.09 -17.21 -9.94
CA SER A 201 -1.45 -16.76 -9.89
C SER A 201 -1.79 -16.00 -8.60
N GLY A 202 -2.95 -15.33 -8.58
CA GLY A 202 -3.43 -14.75 -7.37
C GLY A 202 -3.60 -15.63 -6.18
N GLU A 203 -4.10 -16.84 -6.42
CA GLU A 203 -4.14 -17.87 -5.40
C GLU A 203 -2.79 -18.21 -4.85
N GLU A 204 -1.81 -18.39 -5.72
CA GLU A 204 -0.43 -18.64 -5.26
C GLU A 204 0.12 -17.48 -4.53
N ALA A 205 -0.18 -16.30 -5.00
CA ALA A 205 0.27 -15.08 -4.33
C ALA A 205 -0.13 -14.94 -2.87
N VAL A 206 -1.36 -15.31 -2.57
CA VAL A 206 -1.81 -15.36 -1.20
C VAL A 206 -1.03 -16.41 -0.38
N ARG A 207 -0.88 -17.58 -0.92
CA ARG A 207 -0.16 -18.60 -0.19
CA ARG A 207 -0.13 -18.64 -0.25
C ARG A 207 1.32 -18.16 -0.03
N PHE A 208 1.90 -17.51 -1.02
CA PHE A 208 3.36 -17.10 -0.93
C PHE A 208 3.60 -15.85 -0.07
N GLY A 209 2.53 -15.10 0.18
CA GLY A 209 2.63 -13.86 0.97
C GLY A 209 2.69 -12.54 0.19
N PHE A 210 2.56 -12.61 -1.14
CA PHE A 210 2.50 -11.38 -1.96
C PHE A 210 1.14 -10.68 -1.91
N ALA A 211 0.09 -11.38 -1.49
CA ALA A 211 -1.22 -10.82 -1.29
C ALA A 211 -1.83 -11.45 -0.03
N THR A 212 -2.82 -10.80 0.52
CA THR A 212 -3.42 -11.14 1.78
C THR A 212 -4.70 -11.96 1.62
N HIS A 213 -5.53 -11.63 0.65
CA HIS A 213 -6.83 -12.29 0.49
C HIS A 213 -7.15 -12.50 -0.99
N VAL A 214 -7.67 -13.69 -1.33
CA VAL A 214 -8.20 -13.99 -2.61
C VAL A 214 -9.67 -13.47 -2.64
N ALA A 215 -10.09 -12.72 -3.65
CA ALA A 215 -11.49 -12.29 -3.77
C ALA A 215 -11.82 -12.21 -5.24
N ASP A 216 -12.97 -12.69 -5.62
CA ASP A 216 -13.50 -12.41 -6.98
C ASP A 216 -13.65 -10.94 -7.28
N ASP A 217 -13.97 -10.13 -6.28
CA ASP A 217 -14.04 -8.65 -6.51
C ASP A 217 -13.20 -7.95 -5.46
N PRO A 218 -11.90 -7.91 -5.73
CA PRO A 218 -10.95 -7.39 -4.82
C PRO A 218 -11.22 -5.97 -4.46
N LEU A 219 -11.69 -5.17 -5.39
CA LEU A 219 -12.04 -3.76 -5.06
C LEU A 219 -13.14 -3.66 -4.09
N ALA A 220 -14.17 -4.49 -4.24
CA ALA A 220 -15.25 -4.51 -3.28
C ALA A 220 -14.74 -4.99 -1.88
N GLY A 221 -13.80 -5.94 -1.84
CA GLY A 221 -13.32 -6.37 -0.57
C GLY A 221 -12.46 -5.31 0.06
N ALA A 222 -11.60 -4.67 -0.72
CA ALA A 222 -10.76 -3.59 -0.15
C ALA A 222 -11.52 -2.41 0.35
N MET A 223 -12.59 -2.03 -0.36
CA MET A 223 -13.39 -0.92 0.03
C MET A 223 -14.14 -1.21 1.32
N GLU A 224 -14.65 -2.43 1.43
CA GLU A 224 -15.30 -2.88 2.70
C GLU A 224 -14.34 -2.82 3.87
N LEU A 225 -13.11 -3.34 3.69
CA LEU A 225 -12.14 -3.28 4.75
C LEU A 225 -11.74 -1.83 5.11
N ALA A 226 -11.55 -1.00 4.11
CA ALA A 226 -11.22 0.42 4.33
C ALA A 226 -12.33 1.12 5.11
N ARG A 227 -13.57 0.78 4.83
CA ARG A 227 -14.69 1.37 5.60
C ARG A 227 -14.56 1.03 7.11
N VAL A 228 -14.29 -0.23 7.39
CA VAL A 228 -14.09 -0.73 8.75
C VAL A 228 -12.95 0.01 9.42
N VAL A 229 -11.81 0.10 8.72
CA VAL A 229 -10.67 0.83 9.25
C VAL A 229 -11.07 2.30 9.55
N ALA A 230 -11.86 2.92 8.68
CA ALA A 230 -12.24 4.30 8.81
C ALA A 230 -13.10 4.55 10.01
N GLU A 231 -13.71 3.51 10.58
CA GLU A 231 -14.52 3.69 11.85
C GLU A 231 -13.65 3.82 13.07
N LYS A 232 -12.39 3.40 13.01
CA LYS A 232 -11.57 3.32 14.23
C LYS A 232 -10.90 4.62 14.60
N SER A 233 -10.51 4.77 15.87
CA SER A 233 -9.66 5.93 16.27
C SER A 233 -8.54 6.16 15.31
N PRO A 234 -8.50 7.32 14.70
CA PRO A 234 -7.45 7.48 13.68
C PRO A 234 -6.04 7.55 14.29
N ASN A 235 -5.92 8.12 15.48
CA ASN A 235 -4.59 8.12 16.14
C ASN A 235 -4.07 6.72 16.46
N ALA A 236 -4.95 5.84 16.91
CA ALA A 236 -4.59 4.49 17.25
C ALA A 236 -4.22 3.74 16.00
N VAL A 237 -5.01 3.88 14.93
CA VAL A 237 -4.63 3.21 13.68
C VAL A 237 -3.28 3.68 13.14
N ARG A 238 -3.05 4.99 13.18
CA ARG A 238 -1.77 5.53 12.78
C ARG A 238 -0.60 5.07 13.64
N GLY A 239 -0.79 5.01 14.96
CA GLY A 239 0.28 4.51 15.85
C GLY A 239 0.58 3.05 15.52
N ALA A 240 -0.45 2.24 15.26
CA ALA A 240 -0.24 0.83 14.93
C ALA A 240 0.55 0.68 13.64
N LYS A 241 0.18 1.45 12.61
CA LYS A 241 0.94 1.42 11.34
C LYS A 241 2.42 1.76 11.56
N THR A 242 2.68 2.77 12.37
CA THR A 242 4.05 3.14 12.65
C THR A 242 4.88 2.03 13.37
N LEU A 243 4.26 1.37 14.32
CA LEU A 243 4.91 0.25 14.98
C LEU A 243 5.12 -0.93 14.03
N SER A 244 4.11 -1.25 13.21
CA SER A 244 4.29 -2.30 12.24
C SER A 244 5.41 -1.95 11.29
N ASN A 245 5.48 -0.67 10.90
CA ASN A 245 6.54 -0.25 10.01
C ASN A 245 7.90 -0.35 10.66
N ARG A 246 8.07 0.04 11.91
CA ARG A 246 9.42 0.17 12.47
C ARG A 246 9.93 -1.06 13.22
N ALA A 247 9.03 -1.85 13.78
CA ALA A 247 9.42 -2.96 14.66
C ALA A 247 10.33 -4.02 14.04
N PRO A 248 10.18 -4.31 12.71
CA PRO A 248 11.07 -5.30 12.14
C PRO A 248 12.49 -4.89 12.20
N ASP A 249 12.81 -3.62 12.06
CA ASP A 249 14.20 -3.20 12.10
C ASP A 249 14.76 -2.83 13.51
N LEU A 250 13.98 -2.93 14.56
CA LEU A 250 14.52 -2.54 15.89
C LEU A 250 14.92 -3.80 16.65
N THR A 251 15.83 -3.67 17.58
CA THR A 251 16.04 -4.69 18.63
C THR A 251 14.79 -4.80 19.54
N VAL A 252 14.67 -5.92 20.25
CA VAL A 252 13.60 -6.18 21.17
C VAL A 252 13.50 -5.02 22.14
N ASP A 253 14.63 -4.64 22.74
CA ASP A 253 14.63 -3.51 23.67
C ASP A 253 13.98 -2.28 23.06
N ASP A 254 14.39 -1.93 21.85
CA ASP A 254 13.81 -0.75 21.22
C ASP A 254 12.36 -0.91 20.80
N VAL A 255 11.94 -2.11 20.40
CA VAL A 255 10.52 -2.31 20.10
C VAL A 255 9.76 -1.99 21.37
N LEU A 256 10.26 -2.46 22.52
CA LEU A 256 9.50 -2.28 23.77
C LEU A 256 9.31 -0.80 24.13
N MET A 257 10.38 -0.04 23.95
CA MET A 257 10.30 1.39 24.21
C MET A 257 9.40 2.09 23.21
N ALA A 258 9.50 1.75 21.92
CA ALA A 258 8.65 2.41 20.92
C ALA A 258 7.18 2.09 21.20
N GLU A 259 6.89 0.87 21.66
CA GLU A 259 5.47 0.56 22.00
C GLU A 259 4.97 1.51 23.12
N SER A 260 5.78 1.69 24.15
CA SER A 260 5.39 2.43 25.30
C SER A 260 5.29 3.92 24.96
N ILE A 261 6.24 4.44 24.19
CA ILE A 261 6.17 5.80 23.70
C ILE A 261 4.92 6.04 22.84
N ALA A 262 4.59 5.13 21.94
CA ALA A 262 3.34 5.32 21.19
C ALA A 262 2.11 5.25 22.07
N GLN A 263 2.10 4.34 23.05
CA GLN A 263 0.91 4.22 23.87
C GLN A 263 0.74 5.50 24.71
N HIS A 264 1.86 6.15 25.06
CA HIS A 264 1.79 7.34 25.93
C HIS A 264 1.09 8.48 25.20
N GLU A 265 1.14 8.53 23.88
CA GLU A 265 0.45 9.61 23.14
C GLU A 265 -1.01 9.34 23.11
N LEU A 266 -1.40 8.09 23.20
CA LEU A 266 -2.80 7.73 23.06
C LEU A 266 -3.56 7.72 24.36
N MET A 267 -2.96 7.18 25.43
CA MET A 267 -3.69 6.92 26.69
C MET A 267 -4.22 8.23 27.34
N TYR A 268 -5.50 8.27 27.68
CA TYR A 268 -6.13 9.50 28.23
C TYR A 268 -6.28 10.66 27.25
N SER A 269 -5.85 10.56 25.98
CA SER A 269 -6.15 11.59 25.01
C SER A 269 -7.67 11.63 24.78
N ARG A 270 -8.14 12.69 24.11
CA ARG A 270 -9.56 12.82 23.71
C ARG A 270 -10.13 11.65 22.82
N ASN A 271 -9.48 11.31 21.72
CA ASN A 271 -10.00 10.18 20.93
C ASN A 271 -9.95 8.80 21.63
N GLN A 272 -8.99 8.60 22.49
CA GLN A 272 -8.92 7.35 23.27
C GLN A 272 -10.07 7.24 24.31
N MET A 273 -10.32 8.31 25.04
CA MET A 273 -11.47 8.36 25.96
C MET A 273 -12.82 8.18 25.21
N GLU A 274 -12.94 8.79 24.02
CA GLU A 274 -14.07 8.54 23.16
C GLU A 274 -14.22 7.06 22.69
N ALA A 275 -13.10 6.40 22.34
CA ALA A 275 -13.16 5.02 21.89
C ALA A 275 -13.73 4.17 23.01
N VAL A 276 -13.28 4.44 24.22
CA VAL A 276 -13.71 3.64 25.35
C VAL A 276 -15.18 3.85 25.61
N LYS A 277 -15.61 5.09 25.48
CA LYS A 277 -16.98 5.46 25.77
C LYS A 277 -17.89 4.80 24.72
N ALA A 278 -17.52 4.98 23.46
CA ALA A 278 -18.27 4.41 22.32
C ALA A 278 -18.27 2.90 22.42
N GLY A 279 -17.12 2.34 22.78
CA GLY A 279 -17.01 0.94 23.13
C GLY A 279 -18.08 0.59 24.14
N MET A 280 -18.01 1.20 25.34
CA MET A 280 -19.00 0.96 26.40
C MET A 280 -20.47 1.13 26.02
N GLU A 281 -20.78 2.05 25.11
CA GLU A 281 -22.18 2.34 24.70
C GLU A 281 -22.54 1.63 23.40
N LYS A 282 -21.69 0.70 22.99
CA LYS A 282 -21.89 -0.11 21.78
C LYS A 282 -22.14 0.67 20.49
N ARG A 283 -21.62 1.89 20.42
CA ARG A 283 -21.84 2.80 19.28
C ARG A 283 -20.52 3.04 18.59
N ALA A 284 -20.58 3.73 17.46
CA ALA A 284 -19.43 4.15 16.71
C ALA A 284 -18.84 5.35 17.38
N GLY A 285 -17.51 5.43 17.41
CA GLY A 285 -16.81 6.54 18.03
C GLY A 285 -16.98 7.70 17.10
N ASP A 286 -17.02 8.92 17.65
CA ASP A 286 -16.99 10.14 16.87
C ASP A 286 -15.66 10.84 17.15
N PHE A 287 -14.70 10.72 16.23
CA PHE A 287 -13.31 11.13 16.48
C PHE A 287 -12.93 12.40 15.77
N VAL A 288 -12.00 13.14 16.38
CA VAL A 288 -11.37 14.27 15.74
C VAL A 288 -10.15 13.79 14.89
N ASP A 289 -10.15 14.11 13.62
CA ASP A 289 -9.04 13.74 12.74
C ASP A 289 -7.80 14.59 12.86
N PRO A 290 -6.62 13.98 12.96
CA PRO A 290 -5.45 14.85 12.99
C PRO A 290 -5.20 15.40 11.59
#